data_5FN8
#
_entry.id   5FN8
#
_cell.length_a   84.410
_cell.length_b   131.160
_cell.length_c   141.310
_cell.angle_alpha   90.00
_cell.angle_beta   90.00
_cell.angle_gamma   90.00
#
_symmetry.space_group_name_H-M   'I 2 2 2'
#
loop_
_entity.id
_entity.type
_entity.pdbx_description
1 polymer 'RECEPTOR-TYPE TYROSINE-PROTEIN PHOSPHATASE C'
2 non-polymer 2-acetamido-2-deoxy-beta-D-glucopyranose
3 non-polymer 'CITRATE ANION'
4 water water
#
_entity_poly.entity_id   1
_entity_poly.type   'polypeptide(L)'
_entity_poly.pdbx_seq_one_letter_code
;DFGTPEMLPHVQCKNSTNSTTLVSWAEPASKHHGYILCYKKTPSEKCENLANDVNSFEVKNLRPYTEYTVSLFAYVIGRV
QRNGPAKDCNFRTKAARPGKVNGMKTSRASDNSINVTCNSPYEINGPEARYILEVKSGGSLVKTFNQSTCKFVVDNLYYS
TDYEFLVYFYNGEYLGDPEIKPQSTSYNSK
;
_entity_poly.pdbx_strand_id   A,B
#
# COMPACT_ATOMS: atom_id res chain seq x y z
N ASP A 1 5.06 -10.73 -52.35
CA ASP A 1 5.23 -9.75 -51.28
C ASP A 1 6.72 -9.49 -50.93
N PHE A 2 7.58 -9.54 -51.95
CA PHE A 2 9.03 -9.33 -51.87
C PHE A 2 9.41 -8.02 -51.16
N GLY A 3 10.19 -8.17 -50.09
CA GLY A 3 10.67 -7.05 -49.29
C GLY A 3 9.99 -6.90 -47.94
N THR A 4 8.86 -7.59 -47.73
CA THR A 4 8.12 -7.55 -46.46
C THR A 4 8.85 -8.45 -45.42
N PRO A 5 8.57 -8.32 -44.09
CA PRO A 5 9.31 -9.14 -43.10
C PRO A 5 9.38 -10.66 -43.35
N GLU A 6 10.55 -11.11 -43.81
CA GLU A 6 10.79 -12.53 -44.11
C GLU A 6 11.92 -13.08 -43.26
N MET A 7 11.83 -14.38 -42.93
CA MET A 7 12.84 -15.06 -42.15
C MET A 7 14.14 -15.15 -42.96
N LEU A 8 15.23 -14.72 -42.33
CA LEU A 8 16.56 -14.69 -42.89
C LEU A 8 17.26 -16.06 -42.77
N PRO A 9 17.86 -16.56 -43.86
CA PRO A 9 18.55 -17.86 -43.78
C PRO A 9 20.03 -17.72 -43.40
N HIS A 10 20.72 -18.84 -43.09
CA HIS A 10 22.13 -18.89 -42.70
C HIS A 10 22.57 -17.96 -41.55
N VAL A 11 21.69 -17.81 -40.55
CA VAL A 11 21.99 -17.03 -39.35
C VAL A 11 22.90 -17.88 -38.42
N GLN A 12 23.94 -17.23 -37.84
CA GLN A 12 24.93 -17.81 -36.94
C GLN A 12 24.72 -17.24 -35.54
N CYS A 13 24.78 -18.09 -34.49
CA CYS A 13 24.55 -17.61 -33.12
C CYS A 13 25.23 -18.43 -32.01
N LYS A 14 26.11 -19.37 -32.37
CA LYS A 14 26.75 -20.30 -31.43
C LYS A 14 27.86 -19.77 -30.50
N ASN A 15 28.50 -18.63 -30.87
CA ASN A 15 29.57 -18.00 -30.08
C ASN A 15 28.97 -17.31 -28.84
N SER A 16 28.55 -18.13 -27.88
CA SER A 16 27.92 -17.70 -26.64
C SER A 16 28.89 -17.53 -25.47
N THR A 17 28.39 -16.91 -24.43
CA THR A 17 29.01 -16.53 -23.17
C THR A 17 28.05 -17.11 -22.12
N ASN A 18 28.32 -16.95 -20.84
CA ASN A 18 27.38 -17.44 -19.84
C ASN A 18 26.03 -16.68 -19.86
N SER A 19 25.95 -15.49 -20.53
CA SER A 19 24.71 -14.68 -20.49
C SER A 19 24.39 -13.92 -21.80
N THR A 20 25.19 -14.14 -22.85
CA THR A 20 25.09 -13.45 -24.12
C THR A 20 25.48 -14.38 -25.24
N THR A 21 25.19 -13.96 -26.49
CA THR A 21 25.61 -14.60 -27.74
C THR A 21 25.75 -13.57 -28.86
N LEU A 22 26.57 -13.87 -29.86
CA LEU A 22 26.67 -12.99 -30.99
C LEU A 22 25.85 -13.61 -32.12
N VAL A 23 24.80 -12.88 -32.55
CA VAL A 23 23.94 -13.29 -33.67
C VAL A 23 24.40 -12.52 -34.90
N SER A 24 24.74 -13.24 -35.97
CA SER A 24 25.21 -12.66 -37.23
C SER A 24 24.55 -13.31 -38.44
N TRP A 25 24.36 -12.51 -39.51
CA TRP A 25 23.70 -12.92 -40.74
C TRP A 25 24.32 -12.23 -41.96
N ALA A 26 24.02 -12.73 -43.18
CA ALA A 26 24.57 -12.19 -44.42
C ALA A 26 24.21 -10.71 -44.68
N GLU A 27 25.23 -9.93 -45.06
CA GLU A 27 25.10 -8.51 -45.45
C GLU A 27 24.38 -8.39 -46.81
N PRO A 28 23.32 -7.54 -46.90
CA PRO A 28 22.64 -7.37 -48.19
C PRO A 28 23.22 -6.18 -48.98
N ALA A 29 23.68 -6.42 -50.22
CA ALA A 29 24.23 -5.32 -51.03
C ALA A 29 23.11 -4.39 -51.51
N SER A 30 22.00 -5.00 -51.99
CA SER A 30 20.78 -4.45 -52.57
C SER A 30 20.22 -3.08 -52.09
N LYS A 31 19.50 -3.05 -50.94
CA LYS A 31 18.84 -1.82 -50.44
C LYS A 31 19.12 -1.55 -48.95
N HIS A 32 18.24 -0.77 -48.30
CA HIS A 32 18.22 -0.45 -46.87
C HIS A 32 17.26 -1.43 -46.19
N HIS A 33 17.67 -2.02 -45.05
CA HIS A 33 16.81 -2.99 -44.37
C HIS A 33 16.66 -2.74 -42.89
N GLY A 34 15.46 -3.05 -42.40
CA GLY A 34 15.11 -3.02 -41.00
C GLY A 34 15.11 -4.46 -40.50
N TYR A 35 15.29 -4.66 -39.18
CA TYR A 35 15.37 -6.04 -38.65
C TYR A 35 14.63 -6.26 -37.34
N ILE A 36 14.10 -7.47 -37.18
CA ILE A 36 13.48 -7.94 -35.93
C ILE A 36 14.14 -9.25 -35.57
N LEU A 37 14.81 -9.24 -34.40
CA LEU A 37 15.47 -10.39 -33.82
C LEU A 37 14.49 -10.94 -32.81
N CYS A 38 14.22 -12.23 -32.96
CA CYS A 38 13.29 -12.97 -32.12
C CYS A 38 14.00 -14.11 -31.44
N TYR A 39 13.72 -14.30 -30.15
CA TYR A 39 14.32 -15.41 -29.41
C TYR A 39 13.47 -15.94 -28.30
N LYS A 40 13.67 -17.22 -28.01
CA LYS A 40 12.97 -17.86 -26.88
C LYS A 40 13.80 -19.02 -26.31
N LYS A 41 13.49 -19.42 -25.08
CA LYS A 41 14.11 -20.60 -24.47
C LYS A 41 13.54 -21.80 -25.20
N THR A 42 14.41 -22.75 -25.58
CA THR A 42 13.99 -23.99 -26.24
C THR A 42 13.39 -24.89 -25.15
N PRO A 43 12.08 -25.14 -25.17
CA PRO A 43 11.50 -25.99 -24.13
C PRO A 43 11.64 -27.46 -24.52
N SER A 44 11.81 -28.31 -23.53
CA SER A 44 11.94 -29.74 -23.78
C SER A 44 10.57 -30.43 -23.63
N GLU A 45 10.14 -31.22 -24.67
CA GLU A 45 8.91 -32.02 -24.58
C GLU A 45 9.22 -33.19 -23.65
N LYS A 46 8.31 -33.51 -22.71
CA LYS A 46 8.42 -34.62 -21.75
C LYS A 46 7.24 -35.54 -22.07
N CYS A 47 7.56 -36.70 -22.60
CA CYS A 47 6.58 -37.73 -23.02
C CYS A 47 6.57 -38.88 -22.05
N GLU A 48 5.39 -39.47 -21.81
CA GLU A 48 5.27 -40.68 -20.99
C GLU A 48 4.18 -41.65 -21.46
N ASN A 49 4.45 -42.96 -21.34
CA ASN A 49 3.41 -43.93 -21.71
C ASN A 49 2.49 -44.09 -20.52
N LEU A 50 1.20 -43.90 -20.75
CA LEU A 50 0.20 -44.05 -19.71
C LEU A 50 -0.26 -45.52 -19.66
N ALA A 51 -1.21 -45.83 -18.76
CA ALA A 51 -1.77 -47.16 -18.64
C ALA A 51 -2.69 -47.31 -19.86
N ASN A 52 -2.87 -48.54 -20.34
CA ASN A 52 -3.72 -48.80 -21.50
C ASN A 52 -5.19 -48.50 -21.17
N ASP A 53 -5.98 -48.11 -22.19
CA ASP A 53 -7.42 -47.82 -22.11
C ASP A 53 -7.87 -46.92 -20.98
N VAL A 54 -7.24 -45.75 -20.88
CA VAL A 54 -7.56 -44.72 -19.91
C VAL A 54 -8.18 -43.51 -20.61
N ASN A 55 -9.07 -42.78 -19.92
CA ASN A 55 -9.80 -41.63 -20.45
C ASN A 55 -9.25 -40.30 -19.89
N SER A 56 -8.52 -40.38 -18.78
CA SER A 56 -7.99 -39.22 -18.12
C SER A 56 -6.66 -39.52 -17.46
N PHE A 57 -5.94 -38.44 -17.07
CA PHE A 57 -4.64 -38.55 -16.40
C PHE A 57 -4.32 -37.26 -15.68
N GLU A 58 -3.85 -37.40 -14.44
CA GLU A 58 -3.44 -36.30 -13.58
C GLU A 58 -1.94 -36.05 -13.78
N VAL A 59 -1.62 -34.93 -14.43
CA VAL A 59 -0.23 -34.50 -14.64
C VAL A 59 0.15 -33.77 -13.35
N LYS A 60 1.17 -34.26 -12.64
CA LYS A 60 1.63 -33.79 -11.35
C LYS A 60 3.03 -33.17 -11.41
N ASN A 61 3.50 -32.57 -10.27
CA ASN A 61 4.85 -31.99 -10.11
C ASN A 61 5.14 -30.82 -11.07
N LEU A 62 4.13 -29.99 -11.35
CA LEU A 62 4.33 -28.84 -12.25
C LEU A 62 4.72 -27.61 -11.42
N ARG A 63 5.26 -26.56 -12.06
CA ARG A 63 5.60 -25.35 -11.32
C ARG A 63 4.36 -24.45 -11.22
N PRO A 64 4.16 -23.69 -10.11
CA PRO A 64 3.00 -22.78 -10.04
C PRO A 64 3.08 -21.62 -11.02
N TYR A 65 1.89 -21.14 -11.43
CA TYR A 65 1.66 -20.03 -12.39
C TYR A 65 2.53 -20.12 -13.66
N THR A 66 2.61 -21.34 -14.21
CA THR A 66 3.36 -21.63 -15.43
C THR A 66 2.39 -22.09 -16.50
N GLU A 67 2.58 -21.57 -17.72
CA GLU A 67 1.86 -21.95 -18.91
C GLU A 67 2.46 -23.22 -19.46
N TYR A 68 1.62 -24.21 -19.77
CA TYR A 68 2.03 -25.48 -20.33
C TYR A 68 1.18 -25.85 -21.54
N THR A 69 1.74 -26.74 -22.33
CA THR A 69 1.08 -27.29 -23.51
C THR A 69 1.14 -28.82 -23.51
N VAL A 70 -0.04 -29.45 -23.68
CA VAL A 70 -0.23 -30.91 -23.68
C VAL A 70 -0.67 -31.37 -25.04
N SER A 71 -0.31 -32.62 -25.36
CA SER A 71 -0.75 -33.36 -26.54
C SER A 71 -0.82 -34.86 -26.22
N LEU A 72 -1.85 -35.51 -26.77
CA LEU A 72 -2.02 -36.94 -26.58
C LEU A 72 -1.96 -37.68 -27.85
N PHE A 73 -1.33 -38.86 -27.79
CA PHE A 73 -1.17 -39.76 -28.93
C PHE A 73 -1.72 -41.11 -28.56
N ALA A 74 -2.59 -41.67 -29.41
CA ALA A 74 -3.18 -42.97 -29.19
C ALA A 74 -2.74 -43.91 -30.25
N TYR A 75 -2.62 -45.19 -29.90
CA TYR A 75 -2.28 -46.25 -30.85
C TYR A 75 -3.03 -47.50 -30.43
N VAL A 76 -3.41 -48.32 -31.40
CA VAL A 76 -4.14 -49.57 -31.17
C VAL A 76 -3.19 -50.71 -30.74
N ILE A 77 -3.48 -51.32 -29.58
CA ILE A 77 -2.68 -52.41 -29.00
C ILE A 77 -3.16 -53.83 -29.26
N PRO A 85 -7.76 -30.45 -37.95
CA PRO A 85 -6.43 -30.73 -37.40
C PRO A 85 -6.40 -30.66 -35.88
N ALA A 86 -5.83 -31.70 -35.22
CA ALA A 86 -5.71 -31.80 -33.76
C ALA A 86 -4.77 -30.71 -33.25
N LYS A 87 -5.27 -29.92 -32.30
CA LYS A 87 -4.51 -28.82 -31.73
C LYS A 87 -3.94 -29.19 -30.36
N ASP A 88 -2.83 -28.54 -29.98
CA ASP A 88 -2.22 -28.67 -28.66
C ASP A 88 -3.16 -28.04 -27.66
N CYS A 89 -3.22 -28.61 -26.45
CA CYS A 89 -4.07 -28.07 -25.42
C CYS A 89 -3.24 -27.25 -24.43
N ASN A 90 -3.65 -25.98 -24.22
CA ASN A 90 -2.93 -25.04 -23.35
C ASN A 90 -3.64 -24.83 -22.04
N PHE A 91 -2.86 -24.77 -20.96
CA PHE A 91 -3.33 -24.51 -19.61
C PHE A 91 -2.24 -23.78 -18.81
N ARG A 92 -2.63 -23.28 -17.65
CA ARG A 92 -1.75 -22.60 -16.72
C ARG A 92 -2.04 -23.10 -15.34
N THR A 93 -0.98 -23.46 -14.60
CA THR A 93 -1.13 -23.88 -13.21
C THR A 93 -1.56 -22.64 -12.37
N LYS A 94 -2.27 -22.91 -11.25
CA LYS A 94 -2.72 -21.84 -10.37
C LYS A 94 -1.50 -21.26 -9.62
N ALA A 95 -1.67 -20.05 -9.04
CA ALA A 95 -0.62 -19.38 -8.28
C ALA A 95 -0.39 -20.07 -6.94
N ALA A 96 0.82 -19.89 -6.41
CA ALA A 96 1.15 -20.42 -5.09
C ALA A 96 1.87 -19.32 -4.27
N ARG A 97 2.26 -19.65 -3.02
CA ARG A 97 2.98 -18.67 -2.20
C ARG A 97 4.35 -18.46 -2.84
N PRO A 98 4.82 -17.20 -2.92
CA PRO A 98 6.18 -17.00 -3.44
C PRO A 98 7.21 -17.44 -2.37
N GLY A 99 8.49 -17.35 -2.71
CA GLY A 99 9.56 -17.60 -1.76
C GLY A 99 9.90 -16.31 -1.02
N LYS A 100 10.95 -16.36 -0.22
CA LYS A 100 11.48 -15.27 0.54
C LYS A 100 12.38 -14.40 -0.32
N VAL A 101 12.48 -13.11 0.00
CA VAL A 101 13.34 -12.18 -0.71
C VAL A 101 14.82 -12.55 -0.47
N ASN A 102 15.69 -12.17 -1.41
CA ASN A 102 17.12 -12.47 -1.29
C ASN A 102 17.92 -11.22 -1.06
N GLY A 103 18.96 -11.35 -0.26
CA GLY A 103 19.93 -10.29 0.02
C GLY A 103 19.37 -9.10 0.74
N MET A 104 18.55 -9.35 1.78
CA MET A 104 17.95 -8.28 2.57
C MET A 104 19.01 -7.59 3.41
N LYS A 105 19.22 -6.29 3.11
CA LYS A 105 20.19 -5.47 3.82
C LYS A 105 19.51 -4.33 4.55
N THR A 106 19.78 -4.24 5.85
CA THR A 106 19.31 -3.20 6.73
C THR A 106 20.50 -2.28 7.06
N SER A 107 20.41 -0.98 6.73
CA SER A 107 21.51 -0.04 6.95
C SER A 107 21.07 1.34 7.42
N ARG A 108 21.79 1.93 8.39
CA ARG A 108 21.54 3.26 8.94
C ARG A 108 21.69 4.32 7.85
N ALA A 109 20.68 5.20 7.67
CA ALA A 109 20.67 6.27 6.65
C ALA A 109 20.93 7.65 7.29
N SER A 110 20.60 7.78 8.58
CA SER A 110 20.75 8.97 9.42
C SER A 110 20.67 8.52 10.89
N ASP A 111 20.54 9.48 11.81
CA ASP A 111 20.44 9.23 13.25
C ASP A 111 19.16 8.43 13.59
N ASN A 112 18.01 8.80 12.99
CA ASN A 112 16.70 8.18 13.20
C ASN A 112 16.06 7.60 11.90
N SER A 113 16.91 7.24 10.91
CA SER A 113 16.50 6.73 9.61
C SER A 113 17.27 5.45 9.24
N ILE A 114 16.55 4.41 8.74
CA ILE A 114 17.07 3.10 8.30
C ILE A 114 16.69 2.86 6.82
N ASN A 115 17.63 2.33 6.03
CA ASN A 115 17.40 1.95 4.63
C ASN A 115 17.27 0.43 4.54
N VAL A 116 16.24 -0.05 3.84
CA VAL A 116 16.02 -1.48 3.68
C VAL A 116 16.03 -1.82 2.17
N THR A 117 16.85 -2.81 1.78
CA THR A 117 16.98 -3.23 0.38
C THR A 117 16.99 -4.74 0.29
N CYS A 118 16.51 -5.27 -0.81
CA CYS A 118 16.48 -6.71 -1.03
C CYS A 118 16.33 -6.95 -2.50
N ASN A 119 16.46 -8.21 -2.88
CA ASN A 119 16.27 -8.62 -4.27
C ASN A 119 15.14 -9.63 -4.30
N SER A 120 14.58 -9.78 -5.47
CA SER A 120 13.49 -10.68 -5.76
C SER A 120 13.68 -12.11 -5.24
N PRO A 121 12.60 -12.87 -4.88
CA PRO A 121 12.77 -14.29 -4.56
C PRO A 121 13.04 -15.04 -5.88
N TYR A 122 13.46 -16.32 -5.80
CA TYR A 122 13.69 -17.08 -7.02
C TYR A 122 12.36 -17.58 -7.59
N GLU A 123 11.47 -18.05 -6.70
CA GLU A 123 10.11 -18.53 -6.96
C GLU A 123 9.09 -17.40 -6.77
N ILE A 124 8.59 -16.83 -7.89
CA ILE A 124 7.58 -15.76 -7.92
C ILE A 124 6.20 -16.37 -7.69
N ASN A 125 5.85 -17.40 -8.46
CA ASN A 125 4.61 -18.19 -8.39
C ASN A 125 3.31 -17.44 -8.60
N GLY A 126 3.38 -16.28 -9.24
CA GLY A 126 2.20 -15.48 -9.48
C GLY A 126 2.42 -14.39 -10.51
N PRO A 127 1.36 -13.63 -10.85
CA PRO A 127 1.47 -12.59 -11.91
C PRO A 127 2.17 -11.29 -11.63
N GLU A 128 2.34 -10.92 -10.33
CA GLU A 128 2.90 -9.62 -9.98
C GLU A 128 4.10 -9.73 -9.09
N ALA A 129 4.72 -8.58 -8.80
CA ALA A 129 5.91 -8.49 -7.99
C ALA A 129 5.89 -7.24 -7.11
N ARG A 130 5.54 -7.41 -5.80
CA ARG A 130 5.50 -6.32 -4.81
C ARG A 130 6.15 -6.71 -3.53
N TYR A 131 6.69 -5.72 -2.87
CA TYR A 131 7.46 -5.84 -1.66
C TYR A 131 6.72 -5.16 -0.52
N ILE A 132 6.46 -5.95 0.55
CA ILE A 132 5.77 -5.45 1.75
C ILE A 132 6.77 -5.34 2.86
N LEU A 133 6.89 -4.19 3.43
CA LEU A 133 7.74 -4.04 4.55
C LEU A 133 6.93 -3.65 5.80
N GLU A 134 7.13 -4.42 6.88
CA GLU A 134 6.58 -4.12 8.20
C GLU A 134 7.71 -3.72 9.13
N VAL A 135 7.49 -2.67 9.89
CA VAL A 135 8.48 -2.18 10.85
C VAL A 135 7.86 -2.35 12.22
N LYS A 136 8.58 -3.06 13.09
CA LYS A 136 8.10 -3.33 14.45
C LYS A 136 9.08 -2.87 15.54
N SER A 137 8.55 -2.56 16.72
CA SER A 137 9.32 -2.20 17.90
C SER A 137 8.53 -2.77 19.08
N GLY A 138 9.20 -3.62 19.89
CA GLY A 138 8.59 -4.33 21.02
C GLY A 138 7.40 -5.19 20.61
N GLY A 139 7.46 -5.74 19.40
CA GLY A 139 6.40 -6.56 18.81
C GLY A 139 5.22 -5.80 18.23
N SER A 140 5.15 -4.46 18.43
CA SER A 140 4.08 -3.62 17.90
C SER A 140 4.40 -3.07 16.50
N LEU A 141 3.37 -3.05 15.62
CA LEU A 141 3.52 -2.54 14.25
C LEU A 141 3.68 -1.03 14.30
N VAL A 142 4.80 -0.56 13.77
CA VAL A 142 5.13 0.86 13.78
C VAL A 142 4.86 1.52 12.41
N LYS A 143 5.23 0.84 11.33
CA LYS A 143 5.09 1.31 9.94
C LYS A 143 4.91 0.15 9.02
N THR A 144 4.26 0.37 7.89
CA THR A 144 4.04 -0.59 6.83
C THR A 144 4.17 0.09 5.46
N PHE A 145 4.77 -0.62 4.45
CA PHE A 145 5.01 -0.09 3.10
C PHE A 145 4.76 -1.18 2.08
N ASN A 146 4.25 -0.78 0.91
CA ASN A 146 3.91 -1.66 -0.20
C ASN A 146 4.49 -1.00 -1.46
N GLN A 147 5.53 -1.62 -2.05
CA GLN A 147 6.25 -1.03 -3.19
C GLN A 147 6.60 -2.05 -4.27
N SER A 148 6.79 -1.56 -5.52
CA SER A 148 7.25 -2.24 -6.74
C SER A 148 8.71 -2.60 -6.63
N THR A 149 9.49 -1.78 -5.94
CA THR A 149 10.94 -1.93 -5.76
C THR A 149 11.27 -2.14 -4.29
N CYS A 150 12.20 -3.05 -4.03
CA CYS A 150 12.61 -3.32 -2.68
C CYS A 150 13.71 -2.39 -2.21
N LYS A 151 13.37 -1.10 -2.15
CA LYS A 151 14.22 -0.02 -1.66
C LYS A 151 13.33 0.92 -0.81
N PHE A 152 13.40 0.72 0.50
CA PHE A 152 12.59 1.45 1.46
C PHE A 152 13.43 2.36 2.30
N VAL A 153 12.95 3.59 2.47
CA VAL A 153 13.57 4.59 3.36
C VAL A 153 12.64 4.74 4.56
N VAL A 154 13.08 4.22 5.70
CA VAL A 154 12.34 4.24 6.95
C VAL A 154 12.89 5.36 7.82
N ASP A 155 12.23 6.53 7.79
CA ASP A 155 12.70 7.67 8.57
C ASP A 155 11.76 8.07 9.71
N ASN A 156 12.14 9.10 10.49
CA ASN A 156 11.38 9.65 11.63
C ASN A 156 11.10 8.63 12.75
N LEU A 157 12.11 7.79 13.06
CA LEU A 157 12.04 6.77 14.12
C LEU A 157 12.57 7.37 15.43
N TYR A 158 12.42 6.64 16.57
CA TYR A 158 12.99 7.09 17.85
C TYR A 158 14.51 6.86 17.81
N TYR A 159 15.27 7.67 18.59
CA TYR A 159 16.73 7.77 18.58
C TYR A 159 17.63 6.61 19.02
N SER A 160 17.25 5.86 20.07
CA SER A 160 18.11 4.75 20.52
C SER A 160 17.21 3.56 20.74
N THR A 161 16.60 3.10 19.63
CA THR A 161 15.60 2.04 19.66
C THR A 161 15.94 0.86 18.75
N ASP A 162 15.62 -0.35 19.24
CA ASP A 162 15.77 -1.60 18.49
C ASP A 162 14.47 -1.77 17.68
N TYR A 163 14.63 -2.02 16.39
CA TYR A 163 13.53 -2.24 15.46
C TYR A 163 13.73 -3.56 14.69
N GLU A 164 12.62 -4.19 14.27
CA GLU A 164 12.69 -5.34 13.40
C GLU A 164 12.02 -5.00 12.09
N PHE A 165 12.65 -5.45 11.00
CA PHE A 165 12.20 -5.19 9.64
C PHE A 165 11.86 -6.51 9.03
N LEU A 166 10.60 -6.64 8.57
CA LEU A 166 10.06 -7.85 7.98
C LEU A 166 9.63 -7.52 6.56
N VAL A 167 10.33 -8.09 5.56
CA VAL A 167 10.02 -7.92 4.16
C VAL A 167 9.35 -9.18 3.65
N TYR A 168 8.13 -9.06 3.05
CA TYR A 168 7.39 -10.17 2.44
C TYR A 168 7.25 -9.82 0.98
N PHE A 169 7.21 -10.85 0.15
CA PHE A 169 6.95 -10.69 -1.27
C PHE A 169 5.50 -10.99 -1.51
N TYR A 170 4.86 -10.14 -2.33
CA TYR A 170 3.46 -10.30 -2.75
C TYR A 170 3.45 -10.52 -4.28
N ASN A 171 2.82 -11.59 -4.72
CA ASN A 171 2.81 -11.96 -6.14
C ASN A 171 1.49 -11.70 -6.89
N GLY A 172 0.63 -10.86 -6.32
CA GLY A 172 -0.66 -10.55 -6.91
C GLY A 172 -1.77 -11.42 -6.38
N GLU A 173 -1.41 -12.50 -5.69
CA GLU A 173 -2.40 -13.43 -5.15
C GLU A 173 -2.05 -13.93 -3.75
N TYR A 174 -0.73 -13.99 -3.44
CA TYR A 174 -0.25 -14.54 -2.16
C TYR A 174 0.90 -13.79 -1.63
N LEU A 175 1.03 -13.81 -0.31
CA LEU A 175 2.16 -13.26 0.43
C LEU A 175 2.99 -14.47 0.83
N GLY A 176 4.30 -14.34 0.70
CA GLY A 176 5.23 -15.37 1.14
C GLY A 176 5.67 -15.16 2.58
N ASP A 177 6.66 -15.95 3.03
CA ASP A 177 7.24 -15.86 4.36
C ASP A 177 8.13 -14.59 4.45
N PRO A 178 8.22 -13.95 5.62
CA PRO A 178 9.09 -12.78 5.73
C PRO A 178 10.53 -13.10 5.96
N GLU A 179 11.36 -12.18 5.50
CA GLU A 179 12.77 -12.15 5.77
C GLU A 179 12.85 -11.07 6.88
N ILE A 180 13.29 -11.48 8.08
CA ILE A 180 13.37 -10.63 9.28
C ILE A 180 14.82 -10.22 9.57
N LYS A 181 15.03 -8.92 9.80
CA LYS A 181 16.36 -8.37 10.12
C LYS A 181 16.28 -7.35 11.26
N PRO A 182 17.01 -7.58 12.38
CA PRO A 182 17.01 -6.55 13.45
C PRO A 182 17.92 -5.38 13.07
N GLN A 183 17.54 -4.16 13.50
CA GLN A 183 18.30 -2.94 13.25
C GLN A 183 17.92 -1.84 14.25
N SER A 184 18.93 -1.28 14.92
CA SER A 184 18.76 -0.20 15.90
C SER A 184 19.01 1.18 15.29
N THR A 185 18.56 2.24 15.99
CA THR A 185 18.76 3.64 15.56
C THR A 185 19.93 4.32 16.29
N ASP B 1 -13.77 46.07 -7.14
CA ASP B 1 -14.61 46.88 -8.04
C ASP B 1 -16.09 46.56 -7.79
N PHE B 2 -17.02 47.34 -8.41
CA PHE B 2 -18.44 47.07 -8.20
C PHE B 2 -18.94 45.79 -8.87
N GLY B 3 -19.44 44.86 -8.04
CA GLY B 3 -19.99 43.59 -8.49
C GLY B 3 -19.10 42.40 -8.22
N THR B 4 -17.83 42.64 -7.86
CA THR B 4 -16.88 41.58 -7.52
C THR B 4 -17.19 41.01 -6.10
N PRO B 5 -16.69 39.80 -5.71
CA PRO B 5 -17.05 39.26 -4.38
C PRO B 5 -16.83 40.16 -3.16
N GLU B 6 -17.94 40.72 -2.64
CA GLU B 6 -17.93 41.60 -1.49
C GLU B 6 -18.73 41.00 -0.33
N MET B 7 -18.29 41.25 0.92
CA MET B 7 -18.99 40.78 2.12
C MET B 7 -20.35 41.45 2.24
N LEU B 8 -21.37 40.66 2.57
CA LEU B 8 -22.76 41.07 2.65
C LEU B 8 -23.16 41.51 4.07
N PRO B 9 -23.84 42.66 4.24
CA PRO B 9 -24.29 43.06 5.58
C PRO B 9 -25.62 42.40 5.96
N HIS B 10 -26.00 42.53 7.25
CA HIS B 10 -27.27 42.07 7.80
C HIS B 10 -27.62 40.58 7.63
N VAL B 11 -26.61 39.72 7.66
CA VAL B 11 -26.82 38.28 7.58
C VAL B 11 -27.32 37.75 8.96
N GLN B 12 -28.33 36.85 8.92
CA GLN B 12 -28.98 36.21 10.09
C GLN B 12 -28.59 34.74 10.12
N CYS B 13 -28.25 34.18 11.30
CA CYS B 13 -27.84 32.77 11.39
C CYS B 13 -28.09 32.09 12.75
N LYS B 14 -28.83 32.75 13.66
CA LYS B 14 -29.04 32.25 15.03
C LYS B 14 -30.01 31.07 15.26
N ASN B 15 -30.92 30.81 14.30
CA ASN B 15 -31.89 29.70 14.35
C ASN B 15 -31.18 28.37 14.09
N SER B 16 -30.40 27.93 15.10
CA SER B 16 -29.63 26.70 15.06
C SER B 16 -30.32 25.48 15.64
N THR B 17 -29.74 24.33 15.37
CA THR B 17 -30.11 22.98 15.73
C THR B 17 -28.84 22.42 16.38
N ASN B 18 -28.84 21.17 16.84
CA ASN B 18 -27.63 20.58 17.40
C ASN B 18 -26.53 20.39 16.33
N SER B 19 -26.86 20.47 15.01
CA SER B 19 -25.84 20.20 13.98
C SER B 19 -25.97 21.08 12.69
N THR B 20 -26.93 22.01 12.70
CA THR B 20 -27.26 22.86 11.56
C THR B 20 -27.70 24.24 12.04
N THR B 21 -27.77 25.19 11.10
CA THR B 21 -28.30 26.54 11.28
C THR B 21 -28.87 27.06 9.95
N LEU B 22 -29.81 27.99 10.02
CA LEU B 22 -30.35 28.59 8.83
C LEU B 22 -29.70 29.96 8.68
N VAL B 23 -28.92 30.13 7.59
CA VAL B 23 -28.26 31.38 7.26
C VAL B 23 -29.10 32.07 6.19
N SER B 24 -29.52 33.31 6.46
CA SER B 24 -30.36 34.10 5.57
C SER B 24 -29.84 35.54 5.46
N TRP B 25 -30.03 36.14 4.27
CA TRP B 25 -29.56 37.48 3.92
C TRP B 25 -30.54 38.21 3.00
N ALA B 26 -30.35 39.55 2.83
CA ALA B 26 -31.19 40.43 2.01
C ALA B 26 -31.30 40.01 0.55
N GLU B 27 -32.53 40.04 0.02
CA GLU B 27 -32.84 39.67 -1.37
C GLU B 27 -32.64 40.86 -2.33
N PRO B 28 -31.58 40.82 -3.19
CA PRO B 28 -31.38 41.93 -4.15
C PRO B 28 -32.28 41.85 -5.38
N ALA B 29 -33.09 42.90 -5.58
CA ALA B 29 -33.99 43.01 -6.74
C ALA B 29 -33.20 43.15 -8.04
N SER B 30 -32.13 43.96 -8.00
CA SER B 30 -31.21 44.35 -9.06
C SER B 30 -30.84 43.38 -10.22
N LYS B 31 -29.92 42.41 -9.99
CA LYS B 31 -29.45 41.50 -11.05
C LYS B 31 -29.41 40.03 -10.57
N HIS B 32 -28.60 39.19 -11.26
CA HIS B 32 -28.34 37.79 -10.96
C HIS B 32 -27.04 37.73 -10.14
N HIS B 33 -27.03 36.97 -9.02
CA HIS B 33 -25.84 36.89 -8.17
C HIS B 33 -25.41 35.49 -7.80
N GLY B 34 -24.10 35.35 -7.64
CA GLY B 34 -23.43 34.13 -7.17
C GLY B 34 -23.08 34.33 -5.71
N TYR B 35 -22.92 33.23 -4.94
CA TYR B 35 -22.62 33.37 -3.50
C TYR B 35 -21.57 32.41 -2.97
N ILE B 36 -20.80 32.89 -1.98
CA ILE B 36 -19.85 32.08 -1.21
C ILE B 36 -20.17 32.26 0.25
N LEU B 37 -20.53 31.15 0.89
CA LEU B 37 -20.82 31.08 2.32
C LEU B 37 -19.54 30.57 2.95
N CYS B 38 -19.10 31.30 3.95
CA CYS B 38 -17.87 31.00 4.69
C CYS B 38 -18.20 30.83 6.15
N TYR B 39 -17.60 29.82 6.78
CA TYR B 39 -17.79 29.62 8.23
C TYR B 39 -16.61 28.96 8.90
N LYS B 40 -16.45 29.24 10.20
CA LYS B 40 -15.42 28.60 11.03
C LYS B 40 -15.85 28.53 12.49
N LYS B 41 -15.21 27.65 13.27
CA LYS B 41 -15.44 27.55 14.71
C LYS B 41 -14.89 28.82 15.35
N THR B 42 -15.67 29.48 16.20
CA THR B 42 -15.21 30.68 16.90
C THR B 42 -14.39 30.18 18.10
N PRO B 43 -13.07 30.38 18.10
CA PRO B 43 -12.29 29.87 19.24
C PRO B 43 -12.27 30.91 20.35
N SER B 44 -12.28 30.44 21.59
CA SER B 44 -12.24 31.35 22.74
C SER B 44 -10.82 31.45 23.26
N GLU B 45 -10.33 32.71 23.44
CA GLU B 45 -9.00 33.01 23.99
C GLU B 45 -8.93 32.52 25.45
N LYS B 46 -7.81 31.89 25.83
CA LYS B 46 -7.56 31.39 27.20
C LYS B 46 -6.32 32.16 27.68
N CYS B 47 -6.52 33.05 28.65
CA CYS B 47 -5.46 33.88 29.21
C CYS B 47 -5.03 33.38 30.59
N GLU B 48 -3.74 33.55 30.93
CA GLU B 48 -3.23 33.22 32.26
C GLU B 48 -2.11 34.15 32.76
N ASN B 49 -2.10 34.45 34.05
CA ASN B 49 -1.01 35.29 34.59
C ASN B 49 0.15 34.35 34.91
N LEU B 50 1.33 34.65 34.34
CA LEU B 50 2.51 33.83 34.56
C LEU B 50 3.20 34.34 35.81
N ALA B 51 4.41 33.87 36.10
CA ALA B 51 5.17 34.35 37.24
C ALA B 51 5.83 35.65 36.78
N ASN B 52 6.07 36.58 37.68
CA ASN B 52 6.71 37.86 37.37
C ASN B 52 8.15 37.63 36.89
N ASP B 53 8.66 38.55 36.06
CA ASP B 53 10.04 38.57 35.53
C ASP B 53 10.57 37.27 34.94
N VAL B 54 9.77 36.65 34.08
CA VAL B 54 10.14 35.43 33.37
C VAL B 54 10.30 35.76 31.89
N ASN B 55 11.14 34.99 31.18
CA ASN B 55 11.47 35.23 29.77
C ASN B 55 10.83 34.22 28.81
N SER B 56 10.39 33.10 29.37
CA SER B 56 9.81 32.03 28.59
C SER B 56 8.76 31.28 29.41
N PHE B 57 7.95 30.45 28.71
CA PHE B 57 6.92 29.65 29.36
C PHE B 57 6.55 28.47 28.51
N GLU B 58 6.41 27.30 29.16
CA GLU B 58 6.02 26.05 28.52
C GLU B 58 4.51 25.93 28.60
N VAL B 59 3.84 26.08 27.43
CA VAL B 59 2.38 25.91 27.31
C VAL B 59 2.18 24.42 27.15
N LYS B 60 1.43 23.80 28.08
CA LYS B 60 1.21 22.35 28.16
C LYS B 60 -0.27 22.01 27.93
N ASN B 61 -0.58 20.70 27.86
CA ASN B 61 -1.94 20.15 27.70
C ASN B 61 -2.65 20.57 26.41
N LEU B 62 -1.88 20.68 25.31
CA LEU B 62 -2.45 21.07 24.02
C LEU B 62 -2.86 19.82 23.26
N ARG B 63 -3.72 19.93 22.25
CA ARG B 63 -4.12 18.76 21.46
C ARG B 63 -3.07 18.53 20.36
N PRO B 64 -2.80 17.26 19.96
CA PRO B 64 -1.84 17.03 18.86
C PRO B 64 -2.38 17.50 17.52
N TYR B 65 -1.45 17.90 16.63
CA TYR B 65 -1.70 18.39 15.27
C TYR B 65 -2.78 19.49 15.18
N THR B 66 -2.73 20.43 16.12
CA THR B 66 -3.67 21.54 16.20
C THR B 66 -2.92 22.85 16.02
N GLU B 67 -3.48 23.75 15.21
CA GLU B 67 -2.98 25.10 14.99
C GLU B 67 -3.44 25.97 16.16
N TYR B 68 -2.49 26.74 16.73
CA TYR B 68 -2.77 27.66 17.82
C TYR B 68 -2.18 29.03 17.56
N THR B 69 -2.70 30.01 18.28
CA THR B 69 -2.17 31.37 18.22
C THR B 69 -1.97 31.88 19.61
N VAL B 70 -0.78 32.48 19.87
CA VAL B 70 -0.33 33.02 21.16
C VAL B 70 -0.09 34.49 21.04
N SER B 71 -0.21 35.19 22.18
CA SER B 71 0.09 36.62 22.39
C SER B 71 0.49 36.84 23.85
N LEU B 72 1.44 37.76 24.05
CA LEU B 72 1.89 38.11 25.40
C LEU B 72 1.65 39.52 25.74
N PHE B 73 1.26 39.77 26.99
CA PHE B 73 0.98 41.10 27.52
C PHE B 73 1.81 41.36 28.74
N ALA B 74 2.52 42.49 28.77
CA ALA B 74 3.39 42.88 29.87
C ALA B 74 2.87 44.11 30.52
N TYR B 75 3.08 44.23 31.82
CA TYR B 75 2.73 45.41 32.61
C TYR B 75 3.76 45.59 33.70
N VAL B 76 4.05 46.84 34.05
CA VAL B 76 5.02 47.19 35.09
C VAL B 76 4.44 47.03 36.52
N ILE B 77 5.12 46.21 37.34
CA ILE B 77 4.71 45.90 38.72
C ILE B 77 5.44 46.69 39.79
N PRO B 85 4.00 47.18 14.85
CA PRO B 85 2.82 46.56 15.47
C PRO B 85 3.08 45.11 15.89
N ALA B 86 2.73 44.77 17.15
CA ALA B 86 2.92 43.44 17.72
C ALA B 86 1.99 42.46 17.02
N LYS B 87 2.58 41.37 16.50
CA LYS B 87 1.84 40.35 15.77
C LYS B 87 1.60 39.12 16.65
N ASP B 88 0.50 38.41 16.38
CA ASP B 88 0.17 37.16 17.06
C ASP B 88 1.14 36.12 16.55
N CYS B 89 1.53 35.19 17.44
CA CYS B 89 2.46 34.16 17.06
C CYS B 89 1.73 32.84 16.81
N ASN B 90 1.89 32.27 15.61
CA ASN B 90 1.19 31.05 15.20
C ASN B 90 2.12 29.85 15.22
N PHE B 91 1.59 28.73 15.71
CA PHE B 91 2.31 27.46 15.77
C PHE B 91 1.30 26.29 15.61
N ARG B 92 1.84 25.09 15.41
CA ARG B 92 1.07 23.86 15.29
C ARG B 92 1.76 22.82 16.10
N THR B 93 1.01 22.11 16.96
CA THR B 93 1.58 21.02 17.73
C THR B 93 1.91 19.85 16.74
N LYS B 94 2.92 19.05 17.12
CA LYS B 94 3.33 17.92 16.29
C LYS B 94 2.24 16.84 16.34
N ALA B 95 2.27 15.91 15.36
CA ALA B 95 1.33 14.80 15.30
C ALA B 95 1.62 13.79 16.41
N ALA B 96 0.60 13.01 16.77
CA ALA B 96 0.77 11.94 17.76
C ALA B 96 0.12 10.66 17.21
N ARG B 97 0.24 9.54 17.96
CA ARG B 97 -0.38 8.27 17.58
C ARG B 97 -1.88 8.48 17.66
N PRO B 98 -2.65 8.05 16.62
CA PRO B 98 -4.11 8.18 16.71
C PRO B 98 -4.64 7.16 17.75
N GLY B 99 -5.95 7.15 17.95
CA GLY B 99 -6.57 6.16 18.79
C GLY B 99 -6.96 4.92 17.99
N LYS B 100 -7.67 4.01 18.62
CA LYS B 100 -8.14 2.78 17.98
C LYS B 100 -9.43 3.05 17.24
N VAL B 101 -9.72 2.26 16.23
CA VAL B 101 -10.94 2.37 15.44
C VAL B 101 -12.14 1.96 16.32
N ASN B 102 -13.31 2.48 15.99
CA ASN B 102 -14.52 2.18 16.74
C ASN B 102 -15.46 1.32 15.94
N GLY B 103 -16.12 0.41 16.63
CA GLY B 103 -17.15 -0.46 16.07
C GLY B 103 -16.68 -1.43 15.03
N MET B 104 -15.54 -2.11 15.30
CA MET B 104 -14.98 -3.07 14.37
C MET B 104 -15.84 -4.32 14.32
N LYS B 105 -16.41 -4.58 13.13
CA LYS B 105 -17.27 -5.74 12.90
C LYS B 105 -16.69 -6.67 11.85
N THR B 106 -16.56 -7.94 12.22
CA THR B 106 -16.07 -9.01 11.36
C THR B 106 -17.26 -9.91 11.01
N SER B 107 -17.52 -10.14 9.70
CA SER B 107 -18.65 -10.96 9.25
C SER B 107 -18.34 -11.87 8.04
N ARG B 108 -19.01 -13.05 7.94
CA ARG B 108 -18.84 -13.95 6.78
C ARG B 108 -19.57 -13.39 5.55
N ALA B 109 -18.83 -13.13 4.45
CA ALA B 109 -19.39 -12.62 3.20
C ALA B 109 -19.83 -13.77 2.30
N SER B 110 -19.09 -14.89 2.36
CA SER B 110 -19.29 -16.16 1.64
C SER B 110 -18.63 -17.30 2.45
N ASP B 111 -18.41 -18.47 1.81
CA ASP B 111 -17.80 -19.65 2.45
C ASP B 111 -16.33 -19.39 2.84
N ASN B 112 -15.56 -18.75 1.94
CA ASN B 112 -14.14 -18.44 2.14
C ASN B 112 -13.84 -16.88 2.05
N SER B 113 -14.86 -16.06 2.31
CA SER B 113 -14.87 -14.59 2.22
C SER B 113 -15.33 -13.96 3.56
N ILE B 114 -14.63 -12.91 4.04
CA ILE B 114 -14.90 -12.16 5.28
C ILE B 114 -14.95 -10.67 4.97
N ASN B 115 -15.93 -9.99 5.54
CA ASN B 115 -16.12 -8.54 5.43
C ASN B 115 -15.73 -7.91 6.77
N VAL B 116 -14.88 -6.84 6.72
CA VAL B 116 -14.40 -6.13 7.90
C VAL B 116 -14.81 -4.65 7.79
N THR B 117 -15.45 -4.11 8.83
CA THR B 117 -15.94 -2.72 8.87
C THR B 117 -15.61 -2.11 10.21
N CYS B 118 -15.40 -0.81 10.22
CA CYS B 118 -15.12 -0.07 11.43
C CYS B 118 -15.40 1.39 11.17
N ASN B 119 -15.36 2.18 12.23
CA ASN B 119 -15.53 3.61 12.14
C ASN B 119 -14.28 4.26 12.67
N SER B 120 -14.08 5.50 12.27
CA SER B 120 -12.96 6.35 12.65
C SER B 120 -12.67 6.38 14.16
N PRO B 121 -11.38 6.55 14.60
CA PRO B 121 -11.13 6.77 16.02
C PRO B 121 -11.61 8.21 16.38
N TYR B 122 -11.69 8.52 17.67
CA TYR B 122 -12.11 9.88 18.06
C TYR B 122 -10.95 10.87 17.92
N GLU B 123 -9.75 10.42 18.34
CA GLU B 123 -8.47 11.12 18.26
C GLU B 123 -7.71 10.74 16.97
N ILE B 124 -7.72 11.64 15.96
CA ILE B 124 -7.02 11.52 14.67
C ILE B 124 -5.54 11.82 14.86
N ASN B 125 -5.22 13.00 15.43
CA ASN B 125 -3.86 13.49 15.78
C ASN B 125 -2.88 13.65 14.65
N GLY B 126 -3.38 13.79 13.44
CA GLY B 126 -2.51 13.93 12.28
C GLY B 126 -3.25 14.42 11.05
N PRO B 127 -2.53 14.63 9.92
CA PRO B 127 -3.18 15.20 8.72
C PRO B 127 -4.07 14.32 7.86
N GLU B 128 -3.91 12.98 7.95
CA GLU B 128 -4.63 12.06 7.07
C GLU B 128 -5.48 11.05 7.84
N ALA B 129 -6.23 10.24 7.09
CA ALA B 129 -7.10 9.23 7.63
C ALA B 129 -7.11 7.97 6.74
N ARG B 130 -6.35 6.93 7.17
CA ARG B 130 -6.26 5.63 6.47
C ARG B 130 -6.39 4.47 7.40
N TYR B 131 -6.91 3.40 6.85
CA TYR B 131 -7.21 2.18 7.56
C TYR B 131 -6.33 1.04 7.05
N ILE B 132 -5.57 0.44 7.97
CA ILE B 132 -4.66 -0.67 7.65
C ILE B 132 -5.26 -1.94 8.19
N LEU B 133 -5.45 -2.91 7.35
CA LEU B 133 -5.93 -4.19 7.80
C LEU B 133 -4.89 -5.27 7.55
N GLU B 134 -4.55 -6.02 8.60
CA GLU B 134 -3.68 -7.19 8.54
C GLU B 134 -4.50 -8.42 8.81
N VAL B 135 -4.29 -9.44 8.01
CA VAL B 135 -4.99 -10.70 8.15
C VAL B 135 -3.93 -11.74 8.51
N LYS B 136 -4.15 -12.43 9.64
CA LYS B 136 -3.20 -13.44 10.13
C LYS B 136 -3.85 -14.81 10.34
N SER B 137 -3.05 -15.86 10.22
CA SER B 137 -3.46 -17.24 10.48
C SER B 137 -2.24 -17.91 11.11
N GLY B 138 -2.40 -18.44 12.33
CA GLY B 138 -1.33 -19.05 13.12
C GLY B 138 -0.16 -18.11 13.39
N GLY B 139 -0.48 -16.82 13.53
CA GLY B 139 0.49 -15.76 13.75
C GLY B 139 1.24 -15.28 12.50
N SER B 140 1.04 -15.92 11.35
CA SER B 140 1.67 -15.53 10.09
C SER B 140 0.80 -14.53 9.31
N LEU B 141 1.45 -13.50 8.71
CA LEU B 141 0.76 -12.50 7.89
C LEU B 141 0.30 -13.15 6.58
N VAL B 142 -1.00 -13.11 6.36
CA VAL B 142 -1.62 -13.70 5.17
C VAL B 142 -1.95 -12.64 4.11
N LYS B 143 -2.50 -11.49 4.53
CA LYS B 143 -2.92 -10.39 3.66
C LYS B 143 -2.81 -9.10 4.39
N THR B 144 -2.62 -8.01 3.64
CA THR B 144 -2.56 -6.65 4.16
C THR B 144 -3.28 -5.68 3.20
N PHE B 145 -4.00 -4.67 3.75
CA PHE B 145 -4.78 -3.69 2.97
C PHE B 145 -4.62 -2.32 3.57
N ASN B 146 -4.64 -1.30 2.73
CA ASN B 146 -4.47 0.10 3.09
C ASN B 146 -5.54 0.87 2.32
N GLN B 147 -6.51 1.45 3.03
CA GLN B 147 -7.64 2.13 2.40
C GLN B 147 -8.06 3.40 3.12
N SER B 148 -8.79 4.25 2.38
CA SER B 148 -9.42 5.51 2.81
C SER B 148 -10.65 5.22 3.65
N THR B 149 -11.37 4.13 3.34
CA THR B 149 -12.60 3.69 4.00
C THR B 149 -12.39 2.36 4.70
N CYS B 150 -12.97 2.23 5.87
CA CYS B 150 -12.86 1.02 6.66
C CYS B 150 -13.93 0.03 6.31
N LYS B 151 -13.88 -0.42 5.04
CA LYS B 151 -14.76 -1.44 4.48
C LYS B 151 -13.90 -2.35 3.59
N PHE B 152 -13.50 -3.48 4.16
CA PHE B 152 -12.62 -4.45 3.51
C PHE B 152 -13.34 -5.71 3.22
N VAL B 153 -13.14 -6.23 2.01
CA VAL B 153 -13.66 -7.52 1.57
C VAL B 153 -12.44 -8.42 1.38
N VAL B 154 -12.33 -9.44 2.24
CA VAL B 154 -11.20 -10.38 2.34
C VAL B 154 -11.66 -11.71 1.81
N ASP B 155 -11.34 -11.98 0.56
CA ASP B 155 -11.77 -13.20 -0.10
C ASP B 155 -10.63 -14.18 -0.43
N ASN B 156 -10.99 -15.35 -0.99
CA ASN B 156 -10.07 -16.43 -1.39
C ASN B 156 -9.22 -16.98 -0.21
N LEU B 157 -9.87 -17.17 0.95
CA LEU B 157 -9.24 -17.73 2.15
C LEU B 157 -9.45 -19.25 2.16
N TYR B 158 -8.80 -19.98 3.10
CA TYR B 158 -8.99 -21.43 3.24
C TYR B 158 -10.34 -21.65 3.94
N TYR B 159 -10.99 -22.81 3.67
CA TYR B 159 -12.35 -23.16 4.07
C TYR B 159 -12.76 -23.35 5.54
N SER B 160 -11.91 -23.95 6.38
CA SER B 160 -12.30 -24.12 7.79
C SER B 160 -11.12 -23.68 8.63
N THR B 161 -10.80 -22.39 8.52
CA THR B 161 -9.63 -21.81 9.17
C THR B 161 -9.96 -20.63 10.08
N ASP B 162 -9.24 -20.56 11.21
CA ASP B 162 -9.32 -19.45 12.17
C ASP B 162 -8.36 -18.37 11.67
N TYR B 163 -8.86 -17.14 11.57
CA TYR B 163 -8.11 -15.98 11.15
C TYR B 163 -8.26 -14.86 12.17
N GLU B 164 -7.23 -14.00 12.28
CA GLU B 164 -7.32 -12.79 13.10
C GLU B 164 -7.21 -11.59 12.20
N PHE B 165 -8.05 -10.60 12.50
CA PHE B 165 -8.13 -9.36 11.73
C PHE B 165 -7.72 -8.24 12.64
N LEU B 166 -6.69 -7.50 12.22
CA LEU B 166 -6.11 -6.39 12.97
C LEU B 166 -6.25 -5.15 12.14
N VAL B 167 -7.08 -4.19 12.58
CA VAL B 167 -7.29 -2.90 11.93
C VAL B 167 -6.54 -1.83 12.71
N TYR B 168 -5.63 -1.09 12.05
CA TYR B 168 -4.89 0.04 12.64
C TYR B 168 -5.31 1.28 11.85
N PHE B 169 -5.31 2.42 12.53
CA PHE B 169 -5.55 3.71 11.90
C PHE B 169 -4.21 4.33 11.63
N TYR B 170 -4.05 4.91 10.45
CA TYR B 170 -2.86 5.65 10.02
C TYR B 170 -3.25 7.11 9.77
N ASN B 171 -2.57 8.04 10.42
CA ASN B 171 -2.90 9.47 10.33
C ASN B 171 -1.96 10.31 9.45
N GLY B 172 -1.16 9.67 8.61
CA GLY B 172 -0.21 10.35 7.74
C GLY B 172 1.17 10.40 8.34
N GLU B 173 1.28 10.11 9.64
CA GLU B 173 2.57 10.13 10.32
C GLU B 173 2.74 8.99 11.31
N TYR B 174 1.65 8.47 11.86
CA TYR B 174 1.69 7.42 12.87
C TYR B 174 0.61 6.42 12.71
N LEU B 175 0.90 5.21 13.17
CA LEU B 175 -0.03 4.11 13.22
C LEU B 175 -0.41 4.00 14.71
N GLY B 176 -1.68 3.81 15.00
CA GLY B 176 -2.15 3.61 16.36
C GLY B 176 -2.18 2.13 16.73
N ASP B 177 -2.80 1.79 17.85
CA ASP B 177 -2.94 0.41 18.31
C ASP B 177 -4.00 -0.32 17.48
N PRO B 178 -3.85 -1.64 17.24
CA PRO B 178 -4.88 -2.35 16.48
C PRO B 178 -6.09 -2.76 17.32
N GLU B 179 -7.24 -2.83 16.66
CA GLU B 179 -8.43 -3.45 17.15
C GLU B 179 -8.39 -4.86 16.48
N ILE B 180 -8.26 -5.92 17.31
CA ILE B 180 -8.13 -7.32 16.91
C ILE B 180 -9.46 -8.06 17.07
N LYS B 181 -9.87 -8.80 16.03
CA LYS B 181 -11.11 -9.58 16.05
C LYS B 181 -10.90 -10.98 15.43
N PRO B 182 -11.17 -12.07 16.17
CA PRO B 182 -11.08 -13.41 15.54
C PRO B 182 -12.30 -13.68 14.66
N GLN B 183 -12.10 -14.40 13.55
CA GLN B 183 -13.14 -14.80 12.61
C GLN B 183 -12.70 -16.00 11.80
N SER B 184 -13.47 -17.10 11.89
CA SER B 184 -13.25 -18.34 11.15
C SER B 184 -13.98 -18.33 9.80
N THR B 185 -13.58 -19.23 8.89
CA THR B 185 -14.22 -19.38 7.58
C THR B 185 -15.23 -20.54 7.54
#